data_7O58
#
_entry.id   7O58
#
_cell.length_a   70.520
_cell.length_b   70.520
_cell.length_c   359.720
_cell.angle_alpha   90.000
_cell.angle_beta   90.000
_cell.angle_gamma   120.000
#
_symmetry.space_group_name_H-M   'P 65 2 2'
#
loop_
_entity.id
_entity.type
_entity.pdbx_description
1 polymer 'Phosphomannomutase 2'
2 non-polymer GLYCEROL
3 non-polymer 1,6-di-O-phosphono-alpha-D-glucopyranose
4 non-polymer 'MAGNESIUM ION'
5 non-polymer 'CHLORIDE ION'
6 non-polymer 'SODIUM ION'
7 water water
#
_entity_poly.entity_id   1
_entity_poly.type   'polypeptide(L)'
_entity_poly.pdbx_seq_one_letter_code
;GPMAAPGPALCLFDVDGTLTAPRQKITKEMDDFLQKLRQKIKIGVVGGSDFEKVQEQLGNDVVEKYDYVFPENGLVAYKD
GKLLCRQNIQSHLGEALIQDLINYCLSYIAKIKLPKKRGTFIEFRNGMLNVSPIGRSCSQEERIEFYELDKKENIRQKFV
ADLRKEFAGKGLTFSIGGQISFDVFPDGWDKRYCLRHVENDGYKTIYFFGDKTMPGGNDHEIFTDPRTMGYSVTAPEDMR
RICELLFS
;
_entity_poly.pdbx_strand_id   A,B
#
loop_
_chem_comp.id
_chem_comp.type
_chem_comp.name
_chem_comp.formula
CL non-polymer 'CHLORIDE ION' 'Cl -1'
G16 D-saccharide 1,6-di-O-phosphono-alpha-D-glucopyranose 'C6 H13 O12 P2 -1'
GOL non-polymer GLYCEROL 'C3 H8 O3'
MG non-polymer 'MAGNESIUM ION' 'Mg 2'
NA non-polymer 'SODIUM ION' 'Na 1'
#
# COMPACT_ATOMS: atom_id res chain seq x y z
N GLY A 7 25.42 -9.86 37.01
CA GLY A 7 24.23 -10.69 37.20
C GLY A 7 23.61 -11.12 35.88
N PRO A 8 22.38 -11.63 35.91
CA PRO A 8 21.71 -12.00 34.65
C PRO A 8 21.57 -10.77 33.77
N ALA A 9 21.90 -10.92 32.49
CA ALA A 9 22.03 -9.80 31.58
C ALA A 9 21.37 -10.11 30.25
N LEU A 10 21.23 -9.04 29.45
CA LEU A 10 20.58 -9.14 28.16
C LEU A 10 21.36 -8.25 27.20
N CYS A 11 21.52 -8.76 25.97
CA CYS A 11 22.10 -8.05 24.84
C CYS A 11 21.02 -7.71 23.87
N LEU A 12 20.82 -6.42 23.60
CA LEU A 12 19.88 -5.93 22.59
CA LEU A 12 19.88 -5.94 22.60
C LEU A 12 20.68 -5.41 21.41
N PHE A 13 20.33 -5.88 20.23
CA PHE A 13 21.04 -5.52 19.01
C PHE A 13 20.11 -4.82 18.03
N ASP A 14 20.54 -3.67 17.53
CA ASP A 14 20.07 -3.21 16.23
C ASP A 14 20.35 -4.27 15.18
N VAL A 15 19.53 -4.30 14.12
CA VAL A 15 19.66 -5.36 13.13
C VAL A 15 20.55 -4.88 11.97
N ASP A 16 20.00 -3.98 11.16
CA ASP A 16 20.64 -3.55 9.92
C ASP A 16 21.91 -2.73 10.22
N GLY A 17 23.02 -3.15 9.64
CA GLY A 17 24.28 -2.51 9.88
C GLY A 17 24.99 -2.96 11.12
N THR A 18 24.32 -3.70 11.99
CA THR A 18 24.91 -4.16 13.23
C THR A 18 25.09 -5.67 13.22
N LEU A 19 24.01 -6.41 13.01
CA LEU A 19 24.08 -7.84 12.80
C LEU A 19 24.28 -8.18 11.34
N THR A 20 23.87 -7.31 10.43
CA THR A 20 23.91 -7.56 9.00
C THR A 20 24.65 -6.43 8.28
N ALA A 21 25.26 -6.73 7.15
CA ALA A 21 25.70 -5.65 6.29
C ALA A 21 24.46 -4.83 5.92
N PRO A 22 24.62 -3.52 5.69
CA PRO A 22 23.45 -2.68 5.38
C PRO A 22 22.64 -3.27 4.23
N ARG A 23 21.36 -3.54 4.48
CA ARG A 23 20.38 -3.98 3.49
C ARG A 23 20.49 -5.45 3.15
N GLN A 24 21.25 -6.23 3.91
CA GLN A 24 21.51 -7.62 3.56
C GLN A 24 20.91 -8.57 4.60
N LYS A 25 20.74 -9.82 4.21
CA LYS A 25 20.55 -10.86 5.21
C LYS A 25 21.79 -11.03 6.09
N ILE A 26 21.55 -11.50 7.30
CA ILE A 26 22.65 -11.94 8.12
C ILE A 26 23.37 -13.10 7.44
N THR A 27 24.67 -13.22 7.69
CA THR A 27 25.43 -14.36 7.21
C THR A 27 25.20 -15.55 8.13
N LYS A 28 25.40 -16.75 7.61
CA LYS A 28 25.27 -17.92 8.48
C LYS A 28 26.34 -17.91 9.55
N GLU A 29 27.51 -17.39 9.24
CA GLU A 29 28.54 -17.33 10.27
C GLU A 29 28.09 -16.47 11.44
N MET A 30 27.51 -15.31 11.16
CA MET A 30 27.13 -14.43 12.26
C MET A 30 25.91 -15.03 12.97
N ASP A 31 25.01 -15.64 12.21
CA ASP A 31 23.89 -16.35 12.81
C ASP A 31 24.35 -17.42 13.80
N ASP A 32 25.35 -18.24 13.42
CA ASP A 32 25.92 -19.22 14.34
C ASP A 32 26.60 -18.57 15.54
N PHE A 33 27.32 -17.47 15.34
CA PHE A 33 27.96 -16.79 16.46
C PHE A 33 26.93 -16.35 17.50
N LEU A 34 25.86 -15.70 17.06
CA LEU A 34 24.86 -15.23 18.01
C LEU A 34 24.20 -16.39 18.76
N GLN A 35 24.00 -17.53 18.09
CA GLN A 35 23.38 -18.64 18.81
C GLN A 35 24.34 -19.24 19.86
N LYS A 36 25.62 -19.22 19.60
CA LYS A 36 26.56 -19.60 20.65
C LYS A 36 26.58 -18.55 21.76
N LEU A 37 26.56 -17.26 21.42
CA LEU A 37 26.49 -16.23 22.47
C LEU A 37 25.28 -16.43 23.37
N ARG A 38 24.16 -16.80 22.78
CA ARG A 38 22.92 -16.97 23.52
C ARG A 38 22.95 -18.09 24.56
N GLN A 39 23.89 -19.03 24.48
CA GLN A 39 24.06 -19.99 25.57
C GLN A 39 24.60 -19.33 26.84
N LYS A 40 25.27 -18.19 26.75
CA LYS A 40 25.75 -17.48 27.94
C LYS A 40 24.86 -16.31 28.36
N ILE A 41 24.04 -15.77 27.48
CA ILE A 41 23.34 -14.53 27.78
C ILE A 41 22.14 -14.42 26.86
N LYS A 42 21.06 -13.85 27.37
CA LYS A 42 19.90 -13.65 26.52
C LYS A 42 20.16 -12.58 25.47
N ILE A 43 19.53 -12.77 24.31
CA ILE A 43 19.75 -11.87 23.20
C ILE A 43 18.40 -11.40 22.70
N GLY A 44 18.41 -10.19 22.14
CA GLY A 44 17.23 -9.59 21.53
C GLY A 44 17.60 -8.62 20.43
N VAL A 45 16.69 -8.46 19.47
CA VAL A 45 16.95 -7.58 18.34
C VAL A 45 15.85 -6.53 18.26
N VAL A 46 16.21 -5.35 17.74
CA VAL A 46 15.28 -4.23 17.67
C VAL A 46 15.54 -3.52 16.35
N GLY A 47 14.48 -3.24 15.60
CA GLY A 47 14.65 -2.51 14.35
C GLY A 47 13.45 -1.65 14.08
N GLY A 48 13.62 -0.65 13.20
CA GLY A 48 12.46 0.14 12.79
C GLY A 48 11.58 -0.54 11.76
N SER A 49 12.10 -1.55 11.06
N SER A 49 12.09 -1.56 11.08
CA SER A 49 11.32 -2.19 10.01
CA SER A 49 11.32 -2.19 10.02
C SER A 49 10.19 -3.04 10.61
C SER A 49 10.25 -3.14 10.60
N ASP A 50 9.33 -3.58 9.75
CA ASP A 50 8.24 -4.41 10.25
C ASP A 50 8.69 -5.86 10.37
N PHE A 51 7.85 -6.69 11.02
CA PHE A 51 8.22 -8.08 11.32
C PHE A 51 8.67 -8.83 10.07
N GLU A 52 7.99 -8.60 8.95
CA GLU A 52 8.33 -9.36 7.76
C GLU A 52 9.74 -9.06 7.27
N LYS A 53 10.16 -7.80 7.38
CA LYS A 53 11.52 -7.42 7.02
C LYS A 53 12.53 -8.02 8.02
N VAL A 54 12.23 -7.95 9.30
CA VAL A 54 13.09 -8.62 10.26
C VAL A 54 13.22 -10.12 9.92
N GLN A 55 12.11 -10.78 9.62
CA GLN A 55 12.19 -12.19 9.24
C GLN A 55 13.07 -12.43 8.00
N GLU A 56 12.97 -11.56 6.99
CA GLU A 56 13.83 -11.68 5.81
C GLU A 56 15.31 -11.53 6.17
N GLN A 57 15.64 -10.61 7.08
CA GLN A 57 17.04 -10.37 7.39
C GLN A 57 17.62 -11.41 8.32
N LEU A 58 16.84 -11.92 9.29
CA LEU A 58 17.34 -12.84 10.31
C LEU A 58 16.78 -14.26 10.25
N GLY A 59 15.67 -14.48 9.52
CA GLY A 59 15.08 -15.78 9.34
C GLY A 59 13.62 -15.85 9.72
N ASN A 60 12.88 -16.75 9.09
N ASN A 60 12.88 -16.75 9.08
CA ASN A 60 11.47 -16.88 9.42
CA ASN A 60 11.47 -16.92 9.39
C ASN A 60 11.26 -17.30 10.85
C ASN A 60 11.26 -17.33 10.83
N ASP A 61 12.22 -18.04 11.43
CA ASP A 61 12.09 -18.52 12.80
C ASP A 61 12.67 -17.55 13.83
N VAL A 62 12.69 -16.25 13.52
CA VAL A 62 13.37 -15.28 14.37
C VAL A 62 12.84 -15.31 15.80
N VAL A 63 11.54 -15.46 16.00
CA VAL A 63 11.06 -15.34 17.39
C VAL A 63 11.47 -16.53 18.25
N GLU A 64 11.93 -17.61 17.60
CA GLU A 64 12.44 -18.79 18.28
C GLU A 64 13.95 -18.71 18.52
N LYS A 65 14.67 -17.93 17.71
CA LYS A 65 16.12 -17.83 17.79
C LYS A 65 16.57 -16.66 18.67
N TYR A 66 15.69 -15.72 18.98
CA TYR A 66 16.04 -14.61 19.84
C TYR A 66 15.02 -14.52 20.98
N ASP A 67 15.53 -14.22 22.17
CA ASP A 67 14.68 -14.18 23.35
C ASP A 67 13.70 -13.02 23.29
N TYR A 68 14.08 -11.88 22.69
CA TYR A 68 13.18 -10.78 22.38
C TYR A 68 13.33 -10.42 20.91
N VAL A 69 12.20 -10.08 20.26
CA VAL A 69 12.21 -9.51 18.90
C VAL A 69 11.34 -8.24 18.88
N PHE A 70 11.94 -7.11 18.50
CA PHE A 70 11.22 -5.85 18.58
C PHE A 70 11.22 -5.17 17.22
N PRO A 71 10.37 -5.62 16.27
CA PRO A 71 10.18 -4.85 15.02
C PRO A 71 9.38 -3.57 15.30
N GLU A 72 9.49 -2.62 14.39
CA GLU A 72 8.82 -1.32 14.55
C GLU A 72 9.21 -0.67 15.87
N ASN A 73 10.49 -0.77 16.22
CA ASN A 73 11.07 -0.19 17.42
C ASN A 73 10.50 -0.80 18.68
N GLY A 74 9.73 -1.88 18.56
CA GLY A 74 9.12 -2.51 19.72
C GLY A 74 7.64 -2.33 19.80
N LEU A 75 7.04 -1.58 18.87
CA LEU A 75 5.58 -1.42 18.86
C LEU A 75 4.88 -2.75 18.61
N VAL A 76 5.61 -3.69 18.02
CA VAL A 76 5.32 -5.11 17.98
C VAL A 76 6.47 -5.74 18.75
N ALA A 77 6.14 -6.59 19.74
CA ALA A 77 7.18 -7.13 20.62
C ALA A 77 6.90 -8.57 20.94
N TYR A 78 7.91 -9.44 20.73
CA TYR A 78 7.89 -10.86 21.07
C TYR A 78 8.86 -11.12 22.23
N LYS A 79 8.40 -11.86 23.22
CA LYS A 79 9.27 -12.40 24.25
C LYS A 79 9.06 -13.90 24.34
N ASP A 80 10.16 -14.68 24.33
CA ASP A 80 10.04 -16.14 24.43
C ASP A 80 9.04 -16.68 23.44
N GLY A 81 9.05 -16.10 22.24
CA GLY A 81 8.22 -16.56 21.17
C GLY A 81 6.80 -16.09 21.13
N LYS A 82 6.33 -15.27 22.06
CA LYS A 82 4.94 -14.84 22.10
C LYS A 82 4.83 -13.32 22.12
N LEU A 83 3.71 -12.82 21.57
CA LEU A 83 3.54 -11.38 21.40
C LEU A 83 3.13 -10.71 22.69
N LEU A 84 3.71 -9.54 22.97
CA LEU A 84 3.41 -8.85 24.22
C LEU A 84 2.30 -7.88 23.97
N CYS A 85 1.85 -7.22 25.04
CA CYS A 85 0.75 -6.29 24.93
C CYS A 85 1.13 -5.13 24.01
N ARG A 86 0.13 -4.56 23.34
CA ARG A 86 0.36 -3.66 22.22
C ARG A 86 -0.32 -2.32 22.42
N GLN A 87 0.30 -1.30 21.84
CA GLN A 87 -0.22 0.05 21.79
C GLN A 87 -0.31 0.48 20.32
N ASN A 88 -1.02 1.55 20.02
CA ASN A 88 -0.95 2.18 18.70
C ASN A 88 -1.09 3.68 18.85
N ILE A 89 -0.71 4.42 17.80
N ILE A 89 -0.70 4.44 17.80
CA ILE A 89 -0.59 5.87 17.87
CA ILE A 89 -0.60 5.90 17.91
C ILE A 89 -1.92 6.52 18.23
C ILE A 89 -1.94 6.50 18.29
N GLN A 90 -3.03 5.95 17.76
CA GLN A 90 -4.31 6.62 17.95
C GLN A 90 -4.79 6.46 19.38
N SER A 91 -4.50 5.31 19.96
CA SER A 91 -4.89 5.09 21.34
CA SER A 91 -4.88 5.09 21.35
C SER A 91 -4.02 5.91 22.29
N HIS A 92 -2.76 6.13 21.94
CA HIS A 92 -1.87 6.91 22.81
C HIS A 92 -2.10 8.41 22.68
N LEU A 93 -2.31 8.87 21.47
CA LEU A 93 -2.47 10.30 21.27
C LEU A 93 -3.91 10.77 21.37
N GLY A 94 -4.88 9.88 21.23
CA GLY A 94 -6.28 10.28 21.13
C GLY A 94 -6.67 10.68 19.71
N GLU A 95 -7.95 10.39 19.37
CA GLU A 95 -8.45 10.64 18.03
C GLU A 95 -8.41 12.12 17.66
N ALA A 96 -8.55 13.00 18.63
CA ALA A 96 -8.63 14.42 18.33
C ALA A 96 -7.28 14.94 17.84
N LEU A 97 -6.19 14.58 18.53
CA LEU A 97 -4.87 15.01 18.05
C LEU A 97 -4.51 14.33 16.73
N ILE A 98 -4.86 13.05 16.60
CA ILE A 98 -4.58 12.36 15.34
C ILE A 98 -5.20 13.14 14.19
N GLN A 99 -6.47 13.55 14.33
CA GLN A 99 -7.19 14.18 13.23
C GLN A 99 -6.66 15.57 12.97
N ASP A 100 -6.30 16.30 14.02
CA ASP A 100 -5.69 17.60 13.81
C ASP A 100 -4.39 17.48 13.04
N LEU A 101 -3.56 16.49 13.38
N LEU A 101 -3.55 16.51 13.40
CA LEU A 101 -2.32 16.28 12.64
CA LEU A 101 -2.32 16.26 12.66
C LEU A 101 -2.60 15.95 11.19
C LEU A 101 -2.62 15.96 11.20
N ILE A 102 -3.57 15.06 10.95
CA ILE A 102 -3.86 14.63 9.59
C ILE A 102 -4.44 15.80 8.82
N ASN A 103 -5.39 16.51 9.41
CA ASN A 103 -6.00 17.64 8.74
C ASN A 103 -4.97 18.68 8.37
N TYR A 104 -4.07 18.98 9.29
CA TYR A 104 -3.03 19.93 8.94
C TYR A 104 -2.16 19.46 7.78
N CYS A 105 -1.69 18.21 7.85
CA CYS A 105 -0.79 17.72 6.81
C CYS A 105 -1.49 17.69 5.47
N LEU A 106 -2.74 17.24 5.43
CA LEU A 106 -3.49 17.24 4.18
C LEU A 106 -3.59 18.64 3.58
N SER A 107 -3.97 19.63 4.40
CA SER A 107 -4.07 20.99 3.87
C SER A 107 -2.73 21.53 3.41
N TYR A 108 -1.66 21.24 4.15
CA TYR A 108 -0.34 21.70 3.73
C TYR A 108 0.05 21.09 2.39
N ILE A 109 -0.11 19.77 2.25
CA ILE A 109 0.26 19.10 1.00
C ILE A 109 -0.53 19.68 -0.19
N ALA A 110 -1.81 19.96 0.02
CA ALA A 110 -2.60 20.58 -1.04
C ALA A 110 -1.97 21.85 -1.59
N LYS A 111 -1.14 22.56 -0.80
CA LYS A 111 -0.54 23.83 -1.22
C LYS A 111 0.90 23.69 -1.73
N ILE A 112 1.50 22.51 -1.64
CA ILE A 112 2.83 22.30 -2.21
C ILE A 112 2.75 22.16 -3.72
N LYS A 113 3.57 22.92 -4.43
CA LYS A 113 3.67 22.81 -5.89
C LYS A 113 4.74 21.80 -6.24
N LEU A 114 4.35 20.73 -6.90
CA LEU A 114 5.24 19.62 -7.26
C LEU A 114 5.04 19.28 -8.72
N PRO A 115 6.05 18.67 -9.36
CA PRO A 115 5.84 18.09 -10.70
C PRO A 115 4.69 17.09 -10.74
N LYS A 116 4.65 16.20 -9.77
CA LYS A 116 3.68 15.12 -9.75
C LYS A 116 3.19 14.88 -8.32
N LYS A 117 1.91 14.56 -8.20
CA LYS A 117 1.32 14.00 -7.00
C LYS A 117 0.57 12.73 -7.37
N ARG A 118 0.55 11.79 -6.41
CA ARG A 118 -0.06 10.49 -6.67
C ARG A 118 -1.03 10.09 -5.54
N GLY A 119 -0.66 9.11 -4.69
CA GLY A 119 -1.57 8.60 -3.67
C GLY A 119 -0.81 8.14 -2.45
N THR A 120 -1.57 7.88 -1.38
CA THR A 120 -1.04 7.51 -0.06
C THR A 120 -0.08 8.61 0.42
N PHE A 121 -0.65 9.80 0.56
CA PHE A 121 0.05 10.93 1.21
C PHE A 121 0.28 10.70 2.69
N ILE A 122 -0.64 9.99 3.34
CA ILE A 122 -0.55 9.68 4.76
C ILE A 122 -0.68 8.18 4.92
N GLU A 123 0.38 7.55 5.40
CA GLU A 123 0.34 6.13 5.70
C GLU A 123 0.31 5.94 7.21
N PHE A 124 -0.77 5.33 7.67
CA PHE A 124 -1.10 5.20 9.08
C PHE A 124 -0.52 3.88 9.56
N ARG A 125 0.51 3.94 10.40
CA ARG A 125 1.20 2.77 10.91
C ARG A 125 0.98 2.61 12.40
N ASN A 126 1.42 1.48 12.96
CA ASN A 126 1.22 1.26 14.39
C ASN A 126 1.81 2.39 15.24
N GLY A 127 3.04 2.80 14.95
CA GLY A 127 3.80 3.68 15.80
C GLY A 127 4.14 5.01 15.18
N MET A 128 3.55 5.36 14.04
CA MET A 128 3.79 6.63 13.40
C MET A 128 2.78 6.90 12.29
N LEU A 129 2.70 8.17 11.92
CA LEU A 129 2.21 8.56 10.62
C LEU A 129 3.39 8.80 9.68
N ASN A 130 3.36 8.20 8.52
CA ASN A 130 4.35 8.51 7.51
C ASN A 130 3.67 9.41 6.52
N VAL A 131 4.29 10.55 6.24
CA VAL A 131 3.70 11.62 5.46
C VAL A 131 4.60 11.83 4.26
N SER A 132 4.02 11.80 3.06
CA SER A 132 4.76 12.00 1.81
C SER A 132 4.09 13.11 1.00
N PRO A 133 4.81 14.18 0.66
CA PRO A 133 4.22 15.18 -0.23
C PRO A 133 3.87 14.68 -1.62
N ILE A 134 4.66 13.78 -2.19
CA ILE A 134 4.30 13.22 -3.49
C ILE A 134 3.26 12.09 -3.37
N GLY A 135 3.32 11.30 -2.31
CA GLY A 135 2.48 10.12 -2.23
C GLY A 135 3.27 8.83 -2.36
N ARG A 136 3.09 7.89 -1.41
CA ARG A 136 3.93 6.69 -1.36
C ARG A 136 3.69 5.76 -2.51
N SER A 137 2.58 5.91 -3.23
CA SER A 137 2.32 5.06 -4.39
C SER A 137 3.09 5.51 -5.63
N CYS A 138 3.89 6.56 -5.57
CA CYS A 138 4.64 6.98 -6.74
C CYS A 138 5.54 5.87 -7.29
N SER A 139 5.89 5.99 -8.56
CA SER A 139 6.78 5.03 -9.19
C SER A 139 8.22 5.34 -8.77
N GLN A 140 9.12 4.41 -9.08
CA GLN A 140 10.53 4.61 -8.72
C GLN A 140 11.11 5.86 -9.40
N GLU A 141 10.76 6.06 -10.67
CA GLU A 141 11.19 7.27 -11.39
C GLU A 141 10.71 8.53 -10.68
N GLU A 142 9.43 8.56 -10.30
CA GLU A 142 8.83 9.71 -9.63
C GLU A 142 9.43 9.95 -8.26
N ARG A 143 9.73 8.88 -7.53
CA ARG A 143 10.40 8.97 -6.24
C ARG A 143 11.75 9.65 -6.37
N ILE A 144 12.54 9.30 -7.40
CA ILE A 144 13.85 9.93 -7.57
C ILE A 144 13.71 11.39 -8.01
N GLU A 145 12.77 11.67 -8.91
CA GLU A 145 12.48 13.06 -9.26
C GLU A 145 12.15 13.88 -8.03
N PHE A 146 11.31 13.33 -7.15
CA PHE A 146 10.94 14.08 -5.97
C PHE A 146 12.15 14.26 -5.05
N TYR A 147 12.86 13.16 -4.75
CA TYR A 147 14.05 13.25 -3.88
C TYR A 147 15.00 14.34 -4.34
N GLU A 148 15.13 14.48 -5.64
CA GLU A 148 16.07 15.42 -6.21
C GLU A 148 15.55 16.85 -6.08
N LEU A 149 14.27 17.05 -6.38
CA LEU A 149 13.68 18.37 -6.19
C LEU A 149 13.70 18.77 -4.73
N ASP A 150 13.45 17.81 -3.82
CA ASP A 150 13.40 18.10 -2.38
C ASP A 150 14.74 18.61 -1.86
N LYS A 151 15.86 18.05 -2.35
CA LYS A 151 17.17 18.61 -2.00
C LYS A 151 17.28 20.07 -2.43
N LYS A 152 16.78 20.36 -3.63
CA LYS A 152 16.89 21.69 -4.20
C LYS A 152 15.96 22.69 -3.50
N GLU A 153 14.76 22.26 -3.07
CA GLU A 153 13.75 23.20 -2.60
C GLU A 153 13.48 23.09 -1.11
N ASN A 154 14.05 22.12 -0.43
CA ASN A 154 13.84 21.92 1.01
C ASN A 154 12.37 21.74 1.37
N ILE A 155 11.68 20.92 0.58
CA ILE A 155 10.25 20.75 0.80
C ILE A 155 9.99 20.02 2.11
N ARG A 156 10.59 18.88 2.31
CA ARG A 156 10.33 18.12 3.52
C ARG A 156 10.82 18.87 4.75
N GLN A 157 11.99 19.53 4.63
CA GLN A 157 12.57 20.27 5.75
CA GLN A 157 12.57 20.27 5.75
C GLN A 157 11.68 21.42 6.18
N LYS A 158 11.13 22.17 5.23
CA LYS A 158 10.22 23.26 5.58
C LYS A 158 8.93 22.72 6.20
N PHE A 159 8.41 21.65 5.61
CA PHE A 159 7.20 21.02 6.11
C PHE A 159 7.37 20.60 7.56
N VAL A 160 8.45 19.89 7.86
CA VAL A 160 8.68 19.43 9.21
C VAL A 160 8.94 20.61 10.16
N ALA A 161 9.66 21.65 9.71
CA ALA A 161 9.89 22.80 10.58
C ALA A 161 8.58 23.51 10.92
N ASP A 162 7.66 23.55 9.96
CA ASP A 162 6.34 24.13 10.18
C ASP A 162 5.52 23.24 11.11
N LEU A 163 5.58 21.93 10.92
CA LEU A 163 4.83 21.07 11.83
C LEU A 163 5.37 21.17 13.27
N ARG A 164 6.67 21.31 13.43
CA ARG A 164 7.25 21.38 14.79
C ARG A 164 6.73 22.58 15.57
N LYS A 165 6.63 23.74 14.90
CA LYS A 165 6.02 24.94 15.51
C LYS A 165 4.51 24.75 15.71
N GLU A 166 3.78 24.26 14.69
CA GLU A 166 2.33 24.13 14.83
C GLU A 166 1.94 23.20 15.97
N PHE A 167 2.67 22.10 16.15
CA PHE A 167 2.33 21.10 17.14
C PHE A 167 3.26 21.14 18.35
N ALA A 168 3.84 22.32 18.64
CA ALA A 168 4.73 22.46 19.78
C ALA A 168 3.98 22.07 21.04
N GLY A 169 4.58 21.25 21.88
CA GLY A 169 3.97 20.89 23.14
C GLY A 169 3.05 19.70 23.12
N LYS A 170 2.78 19.13 21.95
CA LYS A 170 1.77 18.10 21.87
C LYS A 170 2.38 16.72 21.97
N GLY A 171 3.70 16.62 22.19
CA GLY A 171 4.31 15.33 22.49
C GLY A 171 4.65 14.52 21.27
N LEU A 172 4.89 15.19 20.14
CA LEU A 172 5.27 14.59 18.88
C LEU A 172 6.72 14.87 18.53
N THR A 173 7.31 13.93 17.81
CA THR A 173 8.64 14.03 17.23
C THR A 173 8.48 13.84 15.74
N PHE A 174 9.19 14.65 14.96
CA PHE A 174 9.20 14.55 13.50
C PHE A 174 10.61 14.20 13.04
N SER A 175 10.72 13.35 12.05
CA SER A 175 12.02 12.90 11.56
C SER A 175 11.92 12.65 10.06
N ILE A 176 12.79 13.30 9.28
CA ILE A 176 12.88 13.00 7.85
C ILE A 176 13.76 11.79 7.66
N GLY A 177 13.29 10.78 6.91
CA GLY A 177 14.16 9.71 6.46
C GLY A 177 13.84 9.31 5.03
N GLY A 178 14.79 8.60 4.42
CA GLY A 178 14.53 8.09 3.07
C GLY A 178 14.39 9.22 2.07
N GLN A 179 13.60 8.98 1.03
CA GLN A 179 13.59 9.85 -0.14
C GLN A 179 12.30 10.65 -0.32
N ILE A 180 11.15 10.18 0.14
CA ILE A 180 9.88 10.83 -0.20
C ILE A 180 9.03 11.19 1.02
N SER A 181 9.50 10.96 2.23
CA SER A 181 8.56 11.03 3.34
C SER A 181 9.26 11.52 4.62
N PHE A 182 8.44 11.71 5.65
CA PHE A 182 8.91 11.89 7.03
C PHE A 182 7.93 11.20 7.96
N ASP A 183 8.41 10.96 9.16
CA ASP A 183 7.69 10.19 10.16
C ASP A 183 7.27 11.12 11.28
N VAL A 184 6.02 10.98 11.70
CA VAL A 184 5.50 11.69 12.86
C VAL A 184 5.15 10.67 13.91
N PHE A 185 5.75 10.75 15.08
CA PHE A 185 5.54 9.70 16.08
C PHE A 185 5.54 10.30 17.48
N PRO A 186 4.93 9.61 18.47
CA PRO A 186 4.93 10.12 19.86
C PRO A 186 6.36 10.15 20.37
N ASP A 187 6.63 11.20 21.13
CA ASP A 187 7.91 11.36 21.79
C ASP A 187 8.29 10.07 22.48
N GLY A 188 9.50 9.59 22.25
CA GLY A 188 9.95 8.36 22.90
C GLY A 188 9.61 7.06 22.16
N TRP A 189 8.87 7.12 21.04
CA TRP A 189 8.58 5.91 20.27
C TRP A 189 9.67 5.62 19.22
N ASP A 190 10.91 5.96 19.53
CA ASP A 190 12.07 5.53 18.77
C ASP A 190 12.46 4.22 19.40
N LYS A 191 13.70 3.79 19.21
CA LYS A 191 14.06 2.46 19.66
C LYS A 191 13.93 2.33 21.18
N ARG A 192 13.94 3.42 21.94
CA ARG A 192 13.74 3.30 23.38
C ARG A 192 12.40 2.66 23.72
N TYR A 193 11.40 2.71 22.83
CA TYR A 193 10.11 2.11 23.16
C TYR A 193 10.24 0.70 23.73
N CYS A 194 11.09 -0.12 23.13
CA CYS A 194 11.18 -1.53 23.51
C CYS A 194 11.69 -1.73 24.93
N LEU A 195 12.36 -0.74 25.51
CA LEU A 195 12.90 -0.93 26.84
C LEU A 195 11.80 -1.14 27.85
N ARG A 196 10.58 -0.69 27.53
CA ARG A 196 9.49 -0.93 28.47
C ARG A 196 9.27 -2.42 28.69
N HIS A 197 9.63 -3.24 27.72
CA HIS A 197 9.38 -4.66 27.86
C HIS A 197 10.54 -5.42 28.50
N VAL A 198 11.65 -4.76 28.77
CA VAL A 198 12.77 -5.47 29.42
C VAL A 198 13.19 -4.83 30.71
N GLU A 199 12.82 -3.58 30.98
CA GLU A 199 13.29 -2.88 32.16
C GLU A 199 12.74 -3.52 33.44
N ASN A 200 13.53 -3.44 34.52
CA ASN A 200 13.08 -3.91 35.82
C ASN A 200 12.41 -5.28 35.70
N ASP A 201 13.08 -6.17 34.94
CA ASP A 201 12.64 -7.55 34.69
C ASP A 201 13.77 -8.53 35.02
N GLY A 202 14.67 -8.12 35.91
CA GLY A 202 15.67 -8.98 36.48
C GLY A 202 17.06 -8.86 35.88
N TYR A 203 17.23 -8.07 34.82
CA TYR A 203 18.54 -7.93 34.20
C TYR A 203 19.37 -6.91 34.99
N LYS A 204 20.55 -7.32 35.42
CA LYS A 204 21.47 -6.41 36.06
C LYS A 204 22.13 -5.49 35.05
N THR A 205 22.18 -5.87 33.79
CA THR A 205 22.74 -5.05 32.74
C THR A 205 21.94 -5.34 31.47
N ILE A 206 21.60 -4.29 30.75
CA ILE A 206 21.06 -4.40 29.40
C ILE A 206 22.04 -3.74 28.44
N TYR A 207 22.76 -4.56 27.68
CA TYR A 207 23.72 -4.06 26.69
C TYR A 207 22.95 -3.70 25.44
N PHE A 208 23.39 -2.67 24.75
CA PHE A 208 22.84 -2.36 23.46
C PHE A 208 23.99 -2.12 22.50
N PHE A 209 23.82 -2.57 21.26
CA PHE A 209 24.80 -2.48 20.17
C PHE A 209 24.09 -1.86 18.96
N GLY A 210 24.69 -0.85 18.35
CA GLY A 210 24.06 -0.21 17.21
C GLY A 210 25.11 0.53 16.42
N ASP A 211 24.84 0.70 15.13
CA ASP A 211 25.79 1.31 14.22
C ASP A 211 25.48 2.77 13.89
N LYS A 212 24.39 3.32 14.40
CA LYS A 212 24.04 4.71 14.15
C LYS A 212 23.71 5.42 15.48
N THR A 213 24.66 5.39 16.39
CA THR A 213 24.49 5.99 17.72
C THR A 213 24.80 7.49 17.76
N MET A 214 25.23 8.09 16.65
CA MET A 214 25.56 9.49 16.64
C MET A 214 24.27 10.30 16.70
N PRO A 215 24.36 11.57 17.08
CA PRO A 215 23.19 12.45 17.07
C PRO A 215 22.57 12.46 15.68
N GLY A 216 21.26 12.24 15.62
CA GLY A 216 20.53 12.07 14.38
C GLY A 216 20.39 10.63 13.90
N GLY A 217 21.19 9.72 14.44
CA GLY A 217 21.07 8.33 14.05
C GLY A 217 19.95 7.61 14.76
N ASN A 218 19.50 6.51 14.16
CA ASN A 218 18.35 5.82 14.72
C ASN A 218 18.66 4.96 15.94
N ASP A 219 19.93 4.88 16.37
CA ASP A 219 20.27 4.22 17.62
C ASP A 219 20.65 5.20 18.72
N HIS A 220 20.62 6.51 18.44
CA HIS A 220 21.17 7.49 19.38
C HIS A 220 20.42 7.50 20.72
N GLU A 221 19.10 7.51 20.67
CA GLU A 221 18.33 7.66 21.90
C GLU A 221 18.42 6.39 22.77
N ILE A 222 18.31 5.19 22.18
CA ILE A 222 18.41 4.00 23.01
C ILE A 222 19.84 3.85 23.56
N PHE A 223 20.84 4.23 22.76
CA PHE A 223 22.23 4.19 23.23
C PHE A 223 22.43 5.11 24.44
N THR A 224 21.91 6.34 24.36
CA THR A 224 22.15 7.34 25.39
C THR A 224 21.24 7.19 26.60
N ASP A 225 20.26 6.33 26.51
CA ASP A 225 19.34 6.09 27.60
C ASP A 225 20.08 5.45 28.77
N PRO A 226 19.86 5.89 30.00
CA PRO A 226 20.61 5.32 31.13
C PRO A 226 20.25 3.85 31.40
N ARG A 227 19.17 3.31 30.84
CA ARG A 227 18.86 1.90 31.10
C ARG A 227 19.74 0.93 30.34
N THR A 228 20.52 1.40 29.40
CA THR A 228 21.36 0.54 28.58
C THR A 228 22.83 0.88 28.79
N MET A 229 23.66 -0.16 28.72
CA MET A 229 25.11 -0.07 28.60
C MET A 229 25.37 -0.10 27.08
N GLY A 230 25.44 1.09 26.50
CA GLY A 230 25.52 1.23 25.05
C GLY A 230 26.91 1.10 24.46
N TYR A 231 26.96 0.52 23.26
CA TYR A 231 28.19 0.28 22.52
C TYR A 231 27.93 0.64 21.06
N SER A 232 28.78 1.49 20.51
N SER A 232 28.79 1.48 20.51
CA SER A 232 28.70 1.86 19.11
CA SER A 232 28.69 1.86 19.12
C SER A 232 29.57 0.94 18.29
C SER A 232 29.57 0.95 18.28
N VAL A 233 28.97 0.34 17.26
CA VAL A 233 29.70 -0.57 16.39
C VAL A 233 29.84 0.08 15.03
N THR A 234 30.93 -0.25 14.34
CA THR A 234 31.20 0.30 13.01
C THR A 234 30.80 -0.66 11.90
N ALA A 235 30.50 -1.89 12.24
CA ALA A 235 30.22 -2.95 11.29
C ALA A 235 29.89 -4.22 12.05
N PRO A 236 29.30 -5.24 11.39
CA PRO A 236 29.01 -6.49 12.11
C PRO A 236 30.25 -7.16 12.64
N GLU A 237 31.39 -7.02 11.98
CA GLU A 237 32.62 -7.64 12.49
C GLU A 237 33.09 -6.96 13.76
N ASP A 238 32.82 -5.65 13.89
CA ASP A 238 33.12 -4.89 15.10
C ASP A 238 32.18 -5.28 16.22
N MET A 239 30.91 -5.53 15.88
CA MET A 239 30.00 -6.06 16.88
C MET A 239 30.50 -7.38 17.44
N ARG A 240 30.87 -8.31 16.56
CA ARG A 240 31.37 -9.60 17.02
C ARG A 240 32.62 -9.43 17.88
N ARG A 241 33.49 -8.52 17.47
CA ARG A 241 34.70 -8.25 18.24
C ARG A 241 34.36 -7.85 19.67
N ILE A 242 33.40 -6.95 19.83
CA ILE A 242 33.07 -6.49 21.17
C ILE A 242 32.44 -7.62 21.98
N CYS A 243 31.55 -8.39 21.35
CA CYS A 243 30.91 -9.50 22.07
C CYS A 243 31.91 -10.56 22.53
N GLU A 244 32.92 -10.83 21.75
CA GLU A 244 33.94 -11.79 22.12
C GLU A 244 34.77 -11.25 23.28
N LEU A 245 34.95 -9.92 23.32
CA LEU A 245 35.66 -9.31 24.44
C LEU A 245 34.84 -9.35 25.72
N LEU A 246 33.57 -8.96 25.64
CA LEU A 246 32.77 -8.85 26.86
C LEU A 246 32.33 -10.20 27.43
N PHE A 247 32.05 -11.19 26.58
CA PHE A 247 31.34 -12.39 26.98
C PHE A 247 32.15 -13.65 26.72
N SER A 248 33.43 -13.51 26.40
CA SER A 248 34.28 -14.66 26.20
C SER A 248 35.67 -14.31 26.73
N GLY B 7 -20.29 -11.99 -40.36
CA GLY B 7 -18.90 -12.05 -40.79
C GLY B 7 -18.08 -12.73 -39.73
N PRO B 8 -16.79 -12.37 -39.64
CA PRO B 8 -15.97 -12.88 -38.53
C PRO B 8 -16.40 -12.20 -37.22
N ALA B 9 -16.26 -12.94 -36.13
CA ALA B 9 -16.76 -12.49 -34.83
C ALA B 9 -15.71 -12.63 -33.73
N LEU B 10 -16.00 -12.02 -32.60
CA LEU B 10 -15.10 -12.02 -31.46
C LEU B 10 -15.98 -12.27 -30.24
N CYS B 11 -15.50 -13.11 -29.33
CA CYS B 11 -16.15 -13.30 -28.04
C CYS B 11 -15.30 -12.59 -27.00
N LEU B 12 -15.90 -11.67 -26.27
N LEU B 12 -15.91 -11.68 -26.24
CA LEU B 12 -15.23 -10.99 -25.17
CA LEU B 12 -15.24 -10.98 -25.16
C LEU B 12 -15.86 -11.45 -23.87
C LEU B 12 -15.86 -11.45 -23.85
N PHE B 13 -15.02 -11.92 -22.95
CA PHE B 13 -15.44 -12.41 -21.64
C PHE B 13 -14.95 -11.53 -20.49
N ASP B 14 -15.88 -11.19 -19.59
CA ASP B 14 -15.52 -10.84 -18.22
C ASP B 14 -14.72 -11.99 -17.62
N VAL B 15 -13.89 -11.75 -16.61
CA VAL B 15 -13.10 -12.85 -16.06
C VAL B 15 -13.76 -13.41 -14.81
N ASP B 16 -13.73 -12.65 -13.73
CA ASP B 16 -14.24 -13.16 -12.46
C ASP B 16 -15.75 -13.39 -12.52
N GLY B 17 -16.17 -14.60 -12.21
CA GLY B 17 -17.57 -14.93 -12.19
C GLY B 17 -18.13 -15.40 -13.51
N THR B 18 -17.34 -15.31 -14.58
CA THR B 18 -17.77 -15.62 -15.94
C THR B 18 -16.90 -16.74 -16.50
N LEU B 19 -15.60 -16.53 -16.55
CA LEU B 19 -14.69 -17.62 -16.84
C LEU B 19 -14.29 -18.43 -15.60
N THR B 20 -14.40 -17.87 -14.42
CA THR B 20 -13.99 -18.49 -13.17
C THR B 20 -15.13 -18.41 -12.17
N ALA B 21 -15.11 -19.30 -11.18
CA ALA B 21 -15.96 -19.12 -10.03
C ALA B 21 -15.49 -17.87 -9.28
N PRO B 22 -16.40 -17.14 -8.64
CA PRO B 22 -16.00 -15.87 -7.99
C PRO B 22 -14.79 -16.11 -7.10
N ARG B 23 -13.78 -15.25 -7.25
CA ARG B 23 -12.59 -15.21 -6.39
C ARG B 23 -11.77 -16.50 -6.55
N GLN B 24 -11.91 -17.19 -7.70
CA GLN B 24 -11.17 -18.41 -7.97
C GLN B 24 -10.41 -18.36 -9.29
N LYS B 25 -9.37 -19.18 -9.37
CA LYS B 25 -8.60 -19.32 -10.59
C LYS B 25 -9.36 -20.14 -11.63
N ILE B 26 -9.05 -19.90 -12.92
CA ILE B 26 -9.64 -20.67 -14.00
C ILE B 26 -9.26 -22.13 -13.83
N THR B 27 -10.19 -23.03 -14.16
CA THR B 27 -9.85 -24.46 -14.09
C THR B 27 -9.11 -24.90 -15.35
N LYS B 28 -8.38 -26.01 -15.26
CA LYS B 28 -7.76 -26.58 -16.46
C LYS B 28 -8.80 -26.90 -17.52
N GLU B 29 -9.98 -27.40 -17.09
CA GLU B 29 -11.02 -27.79 -18.03
C GLU B 29 -11.57 -26.60 -18.79
N MET B 30 -11.92 -25.54 -18.07
CA MET B 30 -12.30 -24.30 -18.74
C MET B 30 -11.24 -23.73 -19.65
N ASP B 31 -10.01 -23.73 -19.18
CA ASP B 31 -8.92 -23.26 -20.02
C ASP B 31 -8.85 -24.08 -21.31
N ASP B 32 -9.01 -25.39 -21.20
CA ASP B 32 -9.04 -26.21 -22.42
C ASP B 32 -10.22 -25.86 -23.31
N PHE B 33 -11.39 -25.65 -22.72
CA PHE B 33 -12.58 -25.29 -23.49
C PHE B 33 -12.31 -24.04 -24.33
N LEU B 34 -11.71 -23.02 -23.72
CA LEU B 34 -11.52 -21.77 -24.44
C LEU B 34 -10.53 -21.97 -25.56
N GLN B 35 -9.52 -22.80 -25.36
CA GLN B 35 -8.59 -23.02 -26.46
C GLN B 35 -9.26 -23.77 -27.62
N LYS B 36 -10.23 -24.64 -27.33
CA LYS B 36 -10.98 -25.25 -28.42
C LYS B 36 -11.90 -24.23 -29.07
N LEU B 37 -12.56 -23.39 -28.26
CA LEU B 37 -13.45 -22.38 -28.82
C LEU B 37 -12.68 -21.43 -29.72
N ARG B 38 -11.43 -21.15 -29.35
CA ARG B 38 -10.58 -20.23 -30.10
C ARG B 38 -10.24 -20.76 -31.48
N GLN B 39 -10.32 -22.06 -31.70
CA GLN B 39 -10.17 -22.58 -33.06
C GLN B 39 -11.32 -22.15 -33.99
N LYS B 40 -12.45 -21.72 -33.44
CA LYS B 40 -13.63 -21.31 -34.21
C LYS B 40 -13.85 -19.81 -34.29
N ILE B 41 -13.39 -19.08 -33.28
CA ILE B 41 -13.69 -17.66 -33.12
C ILE B 41 -12.60 -17.05 -32.24
N LYS B 42 -12.26 -15.80 -32.53
CA LYS B 42 -11.29 -15.08 -31.70
C LYS B 42 -11.86 -14.83 -30.32
N ILE B 43 -11.01 -14.90 -29.31
CA ILE B 43 -11.47 -14.63 -27.95
C ILE B 43 -10.63 -13.56 -27.25
N GLY B 44 -11.27 -12.87 -26.30
CA GLY B 44 -10.61 -11.85 -25.50
C GLY B 44 -11.20 -11.83 -24.11
N VAL B 45 -10.38 -11.39 -23.14
CA VAL B 45 -10.79 -11.25 -21.77
C VAL B 45 -10.62 -9.80 -21.34
N VAL B 46 -11.56 -9.31 -20.57
CA VAL B 46 -11.48 -7.98 -20.01
C VAL B 46 -11.80 -8.08 -18.52
N GLY B 47 -11.00 -7.40 -17.70
CA GLY B 47 -11.25 -7.38 -16.27
C GLY B 47 -10.82 -6.06 -15.67
N GLY B 48 -11.35 -5.77 -14.48
CA GLY B 48 -10.98 -4.56 -13.77
C GLY B 48 -9.63 -4.61 -13.10
N SER B 49 -9.09 -5.80 -12.89
CA SER B 49 -7.84 -5.91 -12.15
C SER B 49 -6.61 -5.76 -13.06
N ASP B 50 -5.47 -5.53 -12.41
CA ASP B 50 -4.23 -5.26 -13.10
C ASP B 50 -3.67 -6.56 -13.66
N PHE B 51 -2.66 -6.44 -14.52
CA PHE B 51 -2.14 -7.60 -15.25
C PHE B 51 -1.70 -8.70 -14.29
N GLU B 52 -1.03 -8.32 -13.19
CA GLU B 52 -0.52 -9.34 -12.28
C GLU B 52 -1.68 -10.15 -11.73
N LYS B 53 -2.81 -9.51 -11.44
CA LYS B 53 -3.95 -10.24 -10.91
C LYS B 53 -4.61 -11.09 -11.98
N VAL B 54 -4.65 -10.58 -13.20
CA VAL B 54 -5.19 -11.38 -14.30
C VAL B 54 -4.33 -12.61 -14.49
N GLN B 55 -3.01 -12.45 -14.34
CA GLN B 55 -2.11 -13.60 -14.42
C GLN B 55 -2.45 -14.60 -13.32
N GLU B 56 -2.83 -14.11 -12.14
CA GLU B 56 -3.18 -15.03 -11.06
C GLU B 56 -4.47 -15.77 -11.37
N GLN B 57 -5.40 -15.12 -12.06
CA GLN B 57 -6.69 -15.72 -12.31
C GLN B 57 -6.67 -16.65 -13.50
N LEU B 58 -5.83 -16.38 -14.50
CA LEU B 58 -5.87 -17.09 -15.76
C LEU B 58 -4.57 -17.74 -16.15
N GLY B 59 -3.51 -17.60 -15.37
CA GLY B 59 -2.25 -18.17 -15.79
C GLY B 59 -1.23 -17.12 -16.20
N ASN B 60 0.03 -17.33 -15.84
CA ASN B 60 1.04 -16.33 -16.19
C ASN B 60 1.23 -16.21 -17.69
N ASP B 61 0.87 -17.23 -18.44
CA ASP B 61 0.98 -17.17 -19.90
C ASP B 61 -0.30 -16.64 -20.56
N VAL B 62 -1.10 -15.87 -19.83
CA VAL B 62 -2.41 -15.45 -20.31
C VAL B 62 -2.32 -14.76 -21.68
N VAL B 63 -1.28 -13.96 -21.93
CA VAL B 63 -1.29 -13.25 -23.23
C VAL B 63 -1.14 -14.20 -24.40
N GLU B 64 -0.65 -15.41 -24.15
CA GLU B 64 -0.49 -16.41 -25.19
C GLU B 64 -1.76 -17.21 -25.44
N LYS B 65 -2.73 -17.20 -24.52
CA LYS B 65 -3.91 -18.06 -24.61
C LYS B 65 -5.13 -17.32 -25.15
N TYR B 66 -5.09 -15.99 -25.27
CA TYR B 66 -6.22 -15.22 -25.76
C TYR B 66 -5.72 -14.26 -26.82
N ASP B 67 -6.61 -13.95 -27.76
CA ASP B 67 -6.24 -13.05 -28.84
C ASP B 67 -6.13 -11.60 -28.36
N TYR B 68 -6.96 -11.25 -27.35
CA TYR B 68 -6.83 -9.98 -26.65
C TYR B 68 -6.90 -10.21 -25.15
N VAL B 69 -6.08 -9.49 -24.41
CA VAL B 69 -6.14 -9.48 -22.95
C VAL B 69 -6.25 -8.02 -22.50
N PHE B 70 -7.29 -7.69 -21.75
CA PHE B 70 -7.60 -6.31 -21.34
C PHE B 70 -7.68 -6.18 -19.82
N PRO B 71 -6.53 -6.20 -19.10
CA PRO B 71 -6.52 -5.85 -17.67
C PRO B 71 -6.90 -4.39 -17.53
N GLU B 72 -7.42 -4.04 -16.36
CA GLU B 72 -7.75 -2.65 -16.04
C GLU B 72 -8.71 -2.06 -17.07
N ASN B 73 -9.69 -2.87 -17.48
CA ASN B 73 -10.75 -2.47 -18.39
C ASN B 73 -10.26 -2.12 -19.77
N GLY B 74 -9.07 -2.59 -20.13
CA GLY B 74 -8.49 -2.28 -21.41
C GLY B 74 -7.47 -1.16 -21.37
N LEU B 75 -7.29 -0.47 -20.24
CA LEU B 75 -6.25 0.57 -20.18
C LEU B 75 -4.89 -0.02 -20.48
N VAL B 76 -4.71 -1.28 -20.11
CA VAL B 76 -3.63 -2.12 -20.60
C VAL B 76 -4.25 -3.07 -21.60
N ALA B 77 -3.69 -3.12 -22.80
CA ALA B 77 -4.25 -3.94 -23.86
C ALA B 77 -3.15 -4.76 -24.51
N TYR B 78 -3.37 -6.08 -24.58
CA TYR B 78 -2.53 -7.04 -25.30
C TYR B 78 -3.31 -7.60 -26.48
N LYS B 79 -2.63 -7.73 -27.62
CA LYS B 79 -3.21 -8.32 -28.82
C LYS B 79 -2.18 -9.23 -29.44
N ASP B 80 -2.55 -10.50 -29.60
CA ASP B 80 -1.72 -11.50 -30.28
C ASP B 80 -0.40 -11.65 -29.56
N GLY B 81 -0.43 -11.52 -28.24
CA GLY B 81 0.73 -11.80 -27.41
C GLY B 81 1.63 -10.62 -27.15
N LYS B 82 1.35 -9.45 -27.72
CA LYS B 82 2.19 -8.27 -27.55
C LYS B 82 1.37 -7.08 -27.07
N LEU B 83 2.03 -6.17 -26.35
CA LEU B 83 1.33 -5.01 -25.83
C LEU B 83 0.84 -4.13 -26.95
N LEU B 84 -0.47 -3.96 -27.03
CA LEU B 84 -1.06 -3.12 -28.05
C LEU B 84 -1.06 -1.66 -27.61
N CYS B 85 -1.23 -1.40 -26.30
N CYS B 85 -1.20 -1.42 -26.32
CA CYS B 85 -1.46 -0.05 -25.83
CA CYS B 85 -1.11 -0.06 -25.82
C CYS B 85 -1.53 -0.05 -24.31
C CYS B 85 -1.34 -0.11 -24.31
N ARG B 86 -0.96 1.00 -23.69
CA ARG B 86 -1.09 1.27 -22.28
C ARG B 86 -1.55 2.71 -22.09
N GLN B 87 -2.48 2.90 -21.15
CA GLN B 87 -3.01 4.20 -20.80
C GLN B 87 -3.17 4.28 -19.28
N ASN B 88 -3.09 5.50 -18.77
CA ASN B 88 -3.41 5.75 -17.38
C ASN B 88 -3.92 7.17 -17.19
N ILE B 89 -4.49 7.39 -16.01
CA ILE B 89 -5.20 8.63 -15.73
C ILE B 89 -4.25 9.82 -15.78
N GLN B 90 -3.02 9.66 -15.32
CA GLN B 90 -2.12 10.80 -15.28
C GLN B 90 -1.70 11.20 -16.70
N SER B 91 -1.51 10.23 -17.57
CA SER B 91 -1.14 10.55 -18.93
C SER B 91 -2.31 11.19 -19.66
N HIS B 92 -3.52 10.65 -19.47
CA HIS B 92 -4.67 11.16 -20.19
C HIS B 92 -5.08 12.55 -19.70
N LEU B 93 -5.20 12.73 -18.36
CA LEU B 93 -5.61 14.01 -17.79
C LEU B 93 -4.50 15.03 -17.78
N GLY B 94 -3.25 14.60 -17.72
CA GLY B 94 -2.15 15.53 -17.55
C GLY B 94 -1.88 15.79 -16.07
N GLU B 95 -0.61 16.06 -15.74
CA GLU B 95 -0.21 16.21 -14.33
C GLU B 95 -0.84 17.43 -13.66
N ALA B 96 -1.06 18.52 -14.42
CA ALA B 96 -1.68 19.70 -13.84
C ALA B 96 -3.07 19.39 -13.33
N LEU B 97 -3.89 18.75 -14.16
CA LEU B 97 -5.26 18.44 -13.76
C LEU B 97 -5.26 17.41 -12.65
N ILE B 98 -4.40 16.41 -12.76
CA ILE B 98 -4.28 15.42 -11.70
C ILE B 98 -4.09 16.10 -10.36
N GLN B 99 -3.18 17.08 -10.34
CA GLN B 99 -2.79 17.73 -9.10
C GLN B 99 -3.90 18.65 -8.62
N ASP B 100 -4.60 19.31 -9.55
CA ASP B 100 -5.73 20.15 -9.13
C ASP B 100 -6.82 19.31 -8.46
N LEU B 101 -7.10 18.13 -9.02
N LEU B 101 -7.11 18.14 -9.04
CA LEU B 101 -8.10 17.25 -8.44
CA LEU B 101 -8.11 17.24 -8.45
C LEU B 101 -7.67 16.77 -7.07
C LEU B 101 -7.66 16.78 -7.07
N ILE B 102 -6.44 16.27 -6.98
CA ILE B 102 -5.92 15.78 -5.70
C ILE B 102 -5.88 16.89 -4.66
N ASN B 103 -5.35 18.07 -5.01
CA ASN B 103 -5.35 19.23 -4.12
C ASN B 103 -6.70 19.60 -3.60
N TYR B 104 -7.70 19.60 -4.47
CA TYR B 104 -9.05 19.92 -4.01
C TYR B 104 -9.54 18.86 -3.03
N CYS B 105 -9.30 17.58 -3.34
CA CYS B 105 -9.77 16.54 -2.43
C CYS B 105 -9.05 16.56 -1.09
N LEU B 106 -7.73 16.78 -1.06
CA LEU B 106 -7.01 16.86 0.20
C LEU B 106 -7.54 17.99 1.07
N SER B 107 -7.68 19.18 0.50
CA SER B 107 -8.21 20.31 1.27
C SER B 107 -9.63 20.03 1.76
N TYR B 108 -10.47 19.48 0.90
CA TYR B 108 -11.84 19.18 1.31
C TYR B 108 -11.86 18.18 2.45
N ILE B 109 -11.06 17.12 2.36
CA ILE B 109 -11.11 16.08 3.41
C ILE B 109 -10.59 16.64 4.73
N ALA B 110 -9.63 17.55 4.65
CA ALA B 110 -9.13 18.21 5.83
C ALA B 110 -10.22 18.96 6.59
N LYS B 111 -11.36 19.27 5.96
CA LYS B 111 -12.41 20.01 6.62
C LYS B 111 -13.57 19.13 7.04
N ILE B 112 -13.56 17.86 6.70
CA ILE B 112 -14.66 16.99 7.09
C ILE B 112 -14.48 16.58 8.55
N LYS B 113 -15.52 16.81 9.35
CA LYS B 113 -15.54 16.40 10.74
C LYS B 113 -16.02 14.96 10.82
N LEU B 114 -15.17 14.10 11.35
CA LEU B 114 -15.46 12.69 11.48
C LEU B 114 -15.03 12.22 12.86
N PRO B 115 -15.59 11.11 13.34
CA PRO B 115 -15.07 10.54 14.60
C PRO B 115 -13.63 10.05 14.46
N LYS B 116 -13.24 9.59 13.27
CA LYS B 116 -11.92 9.00 13.06
C LYS B 116 -11.41 9.33 11.66
N LYS B 117 -10.08 9.53 11.52
CA LYS B 117 -9.42 9.56 10.22
C LYS B 117 -8.16 8.70 10.33
N ARG B 118 -7.83 8.03 9.24
CA ARG B 118 -6.72 7.10 9.27
C ARG B 118 -5.73 7.44 8.18
N GLY B 119 -5.57 6.58 7.18
CA GLY B 119 -4.62 6.84 6.13
C GLY B 119 -5.16 6.34 4.80
N THR B 120 -4.39 6.63 3.73
CA THR B 120 -4.81 6.37 2.35
C THR B 120 -6.19 6.99 2.03
N PHE B 121 -6.20 8.31 2.13
CA PHE B 121 -7.38 9.09 1.76
C PHE B 121 -7.55 9.09 0.26
N ILE B 122 -6.44 9.04 -0.49
CA ILE B 122 -6.41 8.99 -1.95
C ILE B 122 -5.60 7.78 -2.36
N GLU B 123 -6.26 6.81 -2.97
CA GLU B 123 -5.56 5.68 -3.55
C GLU B 123 -5.48 5.97 -5.03
N PHE B 124 -4.25 6.07 -5.55
CA PHE B 124 -3.99 6.37 -6.95
C PHE B 124 -3.90 5.05 -7.73
N ARG B 125 -4.83 4.86 -8.65
CA ARG B 125 -4.79 3.68 -9.52
C ARG B 125 -4.65 4.13 -10.96
N ASN B 126 -4.21 3.22 -11.85
CA ASN B 126 -3.99 3.64 -13.24
C ASN B 126 -5.27 4.17 -13.89
N GLY B 127 -6.42 3.70 -13.46
CA GLY B 127 -7.63 4.09 -14.15
C GLY B 127 -8.57 4.95 -13.34
N MET B 128 -8.23 5.30 -12.12
CA MET B 128 -9.15 6.07 -11.29
C MET B 128 -8.37 6.54 -10.07
N LEU B 129 -8.92 7.55 -9.40
CA LEU B 129 -8.56 7.90 -8.02
C LEU B 129 -9.68 7.42 -7.10
N ASN B 130 -9.33 6.62 -6.10
CA ASN B 130 -10.29 6.19 -5.09
C ASN B 130 -10.13 7.07 -3.87
N VAL B 131 -11.20 7.80 -3.53
CA VAL B 131 -11.14 8.85 -2.53
C VAL B 131 -11.98 8.45 -1.34
N SER B 132 -11.41 8.57 -0.13
CA SER B 132 -12.06 8.14 1.09
C SER B 132 -11.88 9.21 2.14
N PRO B 133 -12.97 9.83 2.62
CA PRO B 133 -12.84 10.80 3.72
C PRO B 133 -12.21 10.20 4.97
N ILE B 134 -12.50 8.95 5.30
CA ILE B 134 -11.95 8.35 6.53
C ILE B 134 -10.57 7.76 6.29
N GLY B 135 -10.25 7.41 5.04
CA GLY B 135 -9.02 6.70 4.73
C GLY B 135 -9.22 5.21 4.55
N ARG B 136 -8.69 4.67 3.44
CA ARG B 136 -8.91 3.26 3.11
C ARG B 136 -8.24 2.32 4.09
N SER B 137 -7.26 2.78 4.86
CA SER B 137 -6.57 1.90 5.79
C SER B 137 -7.38 1.60 7.03
N CYS B 138 -8.57 2.17 7.17
CA CYS B 138 -9.33 1.97 8.40
C CYS B 138 -9.78 0.52 8.51
N SER B 139 -10.19 0.13 9.71
CA SER B 139 -10.60 -1.26 9.94
C SER B 139 -12.05 -1.49 9.49
N GLN B 140 -12.45 -2.75 9.43
CA GLN B 140 -13.81 -3.05 9.00
C GLN B 140 -14.82 -2.47 9.98
N GLU B 141 -14.51 -2.51 11.28
CA GLU B 141 -15.37 -1.86 12.26
C GLU B 141 -15.50 -0.36 11.98
N GLU B 142 -14.37 0.30 11.68
CA GLU B 142 -14.40 1.74 11.36
C GLU B 142 -15.12 2.02 10.05
N ARG B 143 -15.02 1.13 9.08
CA ARG B 143 -15.81 1.28 7.85
C ARG B 143 -17.30 1.35 8.17
N ILE B 144 -17.78 0.45 9.05
CA ILE B 144 -19.20 0.41 9.37
C ILE B 144 -19.62 1.68 10.12
N GLU B 145 -18.81 2.09 11.07
CA GLU B 145 -19.11 3.33 11.76
C GLU B 145 -19.25 4.47 10.78
N PHE B 146 -18.31 4.58 9.83
CA PHE B 146 -18.34 5.71 8.90
C PHE B 146 -19.60 5.69 8.05
N TYR B 147 -19.93 4.52 7.51
CA TYR B 147 -21.08 4.41 6.63
C TYR B 147 -22.37 4.80 7.35
N GLU B 148 -22.48 4.46 8.64
CA GLU B 148 -23.64 4.91 9.41
C GLU B 148 -23.73 6.43 9.45
N LEU B 149 -22.60 7.09 9.74
CA LEU B 149 -22.60 8.55 9.73
C LEU B 149 -22.88 9.09 8.34
N ASP B 150 -22.34 8.43 7.32
CA ASP B 150 -22.52 8.90 5.94
C ASP B 150 -23.98 8.83 5.51
N LYS B 151 -24.71 7.81 5.97
CA LYS B 151 -26.12 7.67 5.57
C LYS B 151 -26.97 8.80 6.16
N LYS B 152 -26.58 9.34 7.30
CA LYS B 152 -27.33 10.41 7.96
C LYS B 152 -26.82 11.80 7.62
N GLU B 153 -25.52 11.93 7.36
CA GLU B 153 -24.90 13.23 7.07
C GLU B 153 -24.61 13.44 5.58
N ASN B 154 -24.85 12.43 4.76
CA ASN B 154 -24.53 12.45 3.33
C ASN B 154 -23.16 13.04 3.06
N ILE B 155 -22.15 12.51 3.74
CA ILE B 155 -20.81 13.06 3.59
C ILE B 155 -20.31 12.85 2.16
N ARG B 156 -20.33 11.61 1.69
CA ARG B 156 -19.81 11.33 0.35
C ARG B 156 -20.66 11.98 -0.74
N GLN B 157 -21.97 12.07 -0.55
CA GLN B 157 -22.81 12.69 -1.57
C GLN B 157 -22.47 14.16 -1.76
N LYS B 158 -22.32 14.91 -0.65
CA LYS B 158 -22.00 16.34 -0.76
C LYS B 158 -20.59 16.53 -1.33
N PHE B 159 -19.67 15.62 -0.98
CA PHE B 159 -18.32 15.73 -1.49
C PHE B 159 -18.30 15.53 -2.99
N VAL B 160 -19.00 14.51 -3.47
CA VAL B 160 -19.05 14.24 -4.89
C VAL B 160 -19.80 15.34 -5.63
N ALA B 161 -20.84 15.89 -5.00
CA ALA B 161 -21.58 16.98 -5.62
C ALA B 161 -20.68 18.17 -5.90
N ASP B 162 -19.89 18.56 -4.89
CA ASP B 162 -18.97 19.69 -5.03
C ASP B 162 -17.87 19.38 -6.03
N LEU B 163 -17.38 18.14 -6.07
CA LEU B 163 -16.41 17.79 -7.11
C LEU B 163 -17.03 17.88 -8.50
N ARG B 164 -18.26 17.38 -8.67
CA ARG B 164 -18.92 17.44 -9.97
C ARG B 164 -19.03 18.87 -10.47
N LYS B 165 -19.31 19.81 -9.56
CA LYS B 165 -19.41 21.22 -9.97
C LYS B 165 -18.07 21.74 -10.45
N GLU B 166 -17.00 21.33 -9.79
CA GLU B 166 -15.69 21.95 -9.99
C GLU B 166 -14.91 21.36 -11.16
N PHE B 167 -15.14 20.08 -11.49
CA PHE B 167 -14.25 19.42 -12.44
C PHE B 167 -14.94 18.72 -13.62
N ALA B 168 -16.18 18.26 -13.46
CA ALA B 168 -16.77 17.32 -14.43
C ALA B 168 -16.70 17.83 -15.87
N GLY B 169 -16.57 19.15 -16.09
CA GLY B 169 -16.30 19.73 -17.41
C GLY B 169 -14.96 19.35 -17.99
N LYS B 170 -14.14 18.69 -17.18
CA LYS B 170 -12.86 18.16 -17.60
C LYS B 170 -12.99 16.73 -18.08
N GLY B 171 -14.22 16.22 -18.14
CA GLY B 171 -14.47 14.89 -18.67
C GLY B 171 -14.32 13.83 -17.62
N LEU B 172 -14.82 14.09 -16.41
CA LEU B 172 -14.65 13.16 -15.29
C LEU B 172 -15.98 12.63 -14.80
N THR B 173 -15.97 11.38 -14.37
CA THR B 173 -17.13 10.78 -13.74
C THR B 173 -16.81 10.50 -12.29
N PHE B 174 -17.80 10.63 -11.44
CA PHE B 174 -17.70 10.34 -10.01
C PHE B 174 -18.74 9.31 -9.66
N SER B 175 -18.33 8.25 -8.97
CA SER B 175 -19.22 7.14 -8.66
C SER B 175 -19.00 6.70 -7.23
N ILE B 176 -20.05 6.82 -6.42
CA ILE B 176 -20.02 6.36 -5.04
C ILE B 176 -20.34 4.88 -5.00
N GLY B 177 -19.68 4.18 -4.10
CA GLY B 177 -19.89 2.75 -3.98
C GLY B 177 -19.32 2.22 -2.67
N GLY B 178 -19.91 1.13 -2.15
CA GLY B 178 -19.40 0.57 -0.91
C GLY B 178 -19.65 1.48 0.27
N GLN B 179 -18.81 1.33 1.29
CA GLN B 179 -19.06 1.98 2.56
C GLN B 179 -18.31 3.28 2.75
N ILE B 180 -17.11 3.46 2.18
CA ILE B 180 -16.28 4.59 2.60
C ILE B 180 -15.70 5.46 1.50
N SER B 181 -15.81 5.06 0.24
CA SER B 181 -15.09 5.78 -0.79
C SER B 181 -15.97 6.09 -2.00
N PHE B 182 -15.40 6.91 -2.90
CA PHE B 182 -15.91 7.08 -4.25
C PHE B 182 -14.77 7.13 -5.26
N ASP B 183 -15.10 6.79 -6.50
CA ASP B 183 -14.10 6.73 -7.54
C ASP B 183 -14.26 7.94 -8.45
N VAL B 184 -13.12 8.45 -8.92
CA VAL B 184 -13.04 9.55 -9.88
C VAL B 184 -12.30 8.99 -11.09
N PHE B 185 -12.89 9.09 -12.28
CA PHE B 185 -12.30 8.48 -13.46
C PHE B 185 -12.76 9.19 -14.72
N PRO B 186 -11.92 9.23 -15.75
CA PRO B 186 -12.34 9.83 -17.03
C PRO B 186 -13.59 9.17 -17.56
N ASP B 187 -14.43 9.98 -18.22
CA ASP B 187 -15.69 9.49 -18.76
C ASP B 187 -15.39 8.29 -19.65
N GLY B 188 -16.15 7.20 -19.46
CA GLY B 188 -16.07 6.02 -20.31
C GLY B 188 -14.99 5.04 -19.94
N TRP B 189 -14.26 5.26 -18.85
CA TRP B 189 -13.20 4.32 -18.44
C TRP B 189 -13.80 3.23 -17.52
N ASP B 190 -14.87 2.64 -18.00
CA ASP B 190 -15.36 1.38 -17.49
C ASP B 190 -14.96 0.28 -18.51
N LYS B 191 -15.59 -0.87 -18.41
CA LYS B 191 -15.22 -1.96 -19.31
C LYS B 191 -15.42 -1.57 -20.79
N ARG B 192 -16.26 -0.58 -21.09
CA ARG B 192 -16.36 -0.17 -22.48
C ARG B 192 -15.02 0.27 -23.08
N TYR B 193 -14.12 0.79 -22.23
CA TYR B 193 -12.86 1.36 -22.73
C TYR B 193 -12.21 0.39 -23.73
N CYS B 194 -12.30 -0.92 -23.46
CA CYS B 194 -11.56 -1.87 -24.28
C CYS B 194 -12.14 -1.97 -25.69
N LEU B 195 -13.40 -1.56 -25.88
CA LEU B 195 -13.96 -1.70 -27.22
C LEU B 195 -13.19 -0.92 -28.31
N ARG B 196 -12.42 0.11 -27.92
CA ARG B 196 -11.66 0.88 -28.90
C ARG B 196 -10.58 0.02 -29.52
N HIS B 197 -10.15 -1.01 -28.82
CA HIS B 197 -9.06 -1.81 -29.31
C HIS B 197 -9.50 -2.94 -30.23
N VAL B 198 -10.80 -3.21 -30.31
CA VAL B 198 -11.31 -4.29 -31.16
C VAL B 198 -12.25 -3.77 -32.24
N GLU B 199 -12.78 -2.55 -32.11
CA GLU B 199 -13.79 -2.13 -33.08
C GLU B 199 -13.21 -1.85 -34.46
N ASN B 200 -11.88 -1.84 -34.64
CA ASN B 200 -11.27 -1.59 -35.95
C ASN B 200 -10.77 -2.86 -36.63
N ASP B 201 -10.99 -4.03 -36.04
CA ASP B 201 -10.37 -5.24 -36.55
C ASP B 201 -11.33 -6.05 -37.41
N GLY B 202 -12.41 -5.46 -37.89
CA GLY B 202 -13.22 -6.14 -38.87
C GLY B 202 -14.19 -7.18 -38.36
N TYR B 203 -14.66 -7.06 -37.12
CA TYR B 203 -15.61 -8.02 -36.57
C TYR B 203 -17.02 -7.60 -36.94
N LYS B 204 -17.84 -8.56 -37.40
CA LYS B 204 -19.24 -8.27 -37.69
C LYS B 204 -20.06 -8.36 -36.41
N THR B 205 -19.67 -9.20 -35.47
CA THR B 205 -20.33 -9.30 -34.17
C THR B 205 -19.27 -9.36 -33.08
N ILE B 206 -19.47 -8.59 -32.01
CA ILE B 206 -18.65 -8.72 -30.83
C ILE B 206 -19.57 -9.24 -29.73
N TYR B 207 -19.43 -10.51 -29.39
CA TYR B 207 -20.17 -11.07 -28.27
C TYR B 207 -19.54 -10.65 -26.96
N PHE B 208 -20.38 -10.42 -25.96
CA PHE B 208 -19.87 -10.16 -24.62
C PHE B 208 -20.65 -11.00 -23.62
N PHE B 209 -19.90 -11.67 -22.74
CA PHE B 209 -20.45 -12.47 -21.65
C PHE B 209 -19.97 -11.88 -20.32
N GLY B 210 -20.92 -11.56 -19.41
CA GLY B 210 -20.60 -11.08 -18.07
C GLY B 210 -21.67 -11.45 -17.07
N ASP B 211 -21.24 -11.51 -15.80
CA ASP B 211 -22.11 -11.91 -14.72
C ASP B 211 -22.68 -10.77 -13.90
N LYS B 212 -22.31 -9.51 -14.16
CA LYS B 212 -22.82 -8.37 -13.41
C LYS B 212 -23.31 -7.30 -14.36
N THR B 213 -24.32 -7.67 -15.17
CA THR B 213 -24.73 -6.89 -16.30
C THR B 213 -25.85 -5.92 -15.96
N MET B 214 -26.34 -5.93 -14.73
CA MET B 214 -27.42 -5.03 -14.30
C MET B 214 -26.83 -3.70 -13.85
N PRO B 215 -27.62 -2.63 -13.82
CA PRO B 215 -27.09 -1.33 -13.37
C PRO B 215 -26.40 -1.45 -12.02
N GLY B 216 -25.26 -0.76 -11.89
CA GLY B 216 -24.40 -0.90 -10.73
C GLY B 216 -23.29 -1.89 -10.96
N GLY B 217 -23.56 -2.95 -11.71
CA GLY B 217 -22.54 -3.97 -11.93
C GLY B 217 -21.46 -3.50 -12.89
N ASN B 218 -20.30 -4.13 -12.77
CA ASN B 218 -19.17 -3.70 -13.58
C ASN B 218 -19.20 -4.23 -15.01
N ASP B 219 -20.23 -4.97 -15.43
CA ASP B 219 -20.40 -5.34 -16.84
C ASP B 219 -21.52 -4.56 -17.49
N HIS B 220 -22.22 -3.72 -16.74
CA HIS B 220 -23.46 -3.13 -17.24
C HIS B 220 -23.20 -2.24 -18.45
N GLU B 221 -22.20 -1.36 -18.39
CA GLU B 221 -22.00 -0.41 -19.50
C GLU B 221 -21.55 -1.14 -20.77
N ILE B 222 -20.70 -2.15 -20.63
CA ILE B 222 -20.23 -2.84 -21.84
C ILE B 222 -21.34 -3.72 -22.39
N PHE B 223 -22.13 -4.31 -21.50
CA PHE B 223 -23.28 -5.09 -21.92
C PHE B 223 -24.24 -4.19 -22.72
N THR B 224 -24.47 -2.96 -22.25
CA THR B 224 -25.49 -2.15 -22.89
C THR B 224 -24.95 -1.44 -24.12
N ASP B 225 -23.65 -1.41 -24.32
CA ASP B 225 -23.09 -0.66 -25.45
C ASP B 225 -23.59 -1.26 -26.77
N PRO B 226 -24.05 -0.43 -27.71
CA PRO B 226 -24.56 -0.99 -28.97
C PRO B 226 -23.55 -1.79 -29.79
N ARG B 227 -22.26 -1.73 -29.49
CA ARG B 227 -21.30 -2.46 -30.30
C ARG B 227 -21.15 -3.92 -29.89
N THR B 228 -21.74 -4.31 -28.75
CA THR B 228 -21.68 -5.69 -28.28
C THR B 228 -23.02 -6.41 -28.37
N MET B 229 -22.92 -7.70 -28.58
CA MET B 229 -24.02 -8.65 -28.46
C MET B 229 -23.89 -9.27 -27.11
N GLY B 230 -24.63 -8.72 -26.14
CA GLY B 230 -24.44 -9.05 -24.75
C GLY B 230 -25.28 -10.22 -24.27
N TYR B 231 -24.64 -11.12 -23.53
CA TYR B 231 -25.29 -12.25 -22.88
C TYR B 231 -24.96 -12.23 -21.39
N SER B 232 -25.98 -12.11 -20.56
CA SER B 232 -25.78 -12.20 -19.12
C SER B 232 -25.66 -13.65 -18.74
N VAL B 233 -24.73 -13.97 -17.84
CA VAL B 233 -24.53 -15.34 -17.36
C VAL B 233 -24.52 -15.34 -15.85
N THR B 234 -25.11 -16.38 -15.26
CA THR B 234 -25.16 -16.55 -13.81
C THR B 234 -23.91 -17.23 -13.27
N ALA B 235 -23.18 -17.98 -14.08
CA ALA B 235 -22.00 -18.72 -13.62
C ALA B 235 -21.24 -19.17 -14.83
N PRO B 236 -20.00 -19.65 -14.65
CA PRO B 236 -19.24 -20.24 -15.79
C PRO B 236 -20.02 -21.32 -16.51
N GLU B 237 -20.71 -22.20 -15.78
CA GLU B 237 -21.44 -23.28 -16.44
C GLU B 237 -22.53 -22.74 -17.36
N ASP B 238 -23.15 -21.64 -16.95
CA ASP B 238 -24.16 -20.99 -17.77
C ASP B 238 -23.57 -20.40 -19.04
N MET B 239 -22.41 -19.75 -18.93
CA MET B 239 -21.68 -19.26 -20.10
C MET B 239 -21.40 -20.40 -21.06
N ARG B 240 -20.99 -21.55 -20.53
CA ARG B 240 -20.67 -22.70 -21.38
C ARG B 240 -21.91 -23.25 -22.09
N ARG B 241 -23.03 -23.36 -21.38
CA ARG B 241 -24.27 -23.80 -22.01
C ARG B 241 -24.66 -22.87 -23.16
N ILE B 242 -24.53 -21.57 -22.96
CA ILE B 242 -24.86 -20.60 -24.02
C ILE B 242 -23.90 -20.76 -25.18
N CYS B 243 -22.61 -20.89 -24.90
CA CYS B 243 -21.66 -21.06 -26.00
C CYS B 243 -21.96 -22.30 -26.84
N GLU B 244 -22.39 -23.38 -26.18
CA GLU B 244 -22.76 -24.60 -26.90
C GLU B 244 -23.86 -24.31 -27.93
N LEU B 245 -24.89 -23.58 -27.51
CA LEU B 245 -25.99 -23.28 -28.41
C LEU B 245 -25.56 -22.30 -29.49
N LEU B 246 -24.66 -21.38 -29.18
CA LEU B 246 -24.29 -20.37 -30.18
C LEU B 246 -23.28 -20.90 -31.21
N PHE B 247 -22.27 -21.61 -30.76
CA PHE B 247 -21.15 -21.99 -31.60
C PHE B 247 -20.98 -23.48 -31.78
N SER B 248 -21.86 -24.29 -31.20
CA SER B 248 -21.78 -25.74 -31.25
C SER B 248 -20.50 -26.24 -30.58
C1 GOL C . 22.01 -18.45 29.85
O1 GOL C . 21.45 -17.43 30.63
C2 GOL C . 21.11 -18.71 28.64
O2 GOL C . 20.15 -19.68 28.89
C3 GOL C . 20.49 -17.36 28.27
O3 GOL C . 19.99 -17.52 26.89
H11 GOL C . 22.09 -19.28 30.35
H12 GOL C . 22.89 -18.24 29.54
H2 GOL C . 21.64 -19.04 27.90
HO2 GOL C . 19.90 -19.57 29.72
H31 GOL C . 21.16 -16.66 28.35
H32 GOL C . 19.80 -17.13 28.91
HO3 GOL C . 20.52 -17.07 26.42
C1 GOL D . 4.15 -3.61 30.16
O1 GOL D . 5.25 -4.28 30.92
C2 GOL D . 3.96 -2.28 30.86
O2 GOL D . 5.16 -1.81 31.36
C3 GOL D . 3.33 -1.35 29.83
O3 GOL D . 4.33 -0.96 28.93
H11 GOL D . 3.32 -4.12 30.17
H12 GOL D . 4.37 -3.46 29.22
HO1 GOL D . 5.94 -4.09 30.48
H2 GOL D . 3.35 -2.37 31.63
H31 GOL D . 2.93 -0.60 30.28
H32 GOL D . 2.60 -1.82 29.39
HO3 GOL D . 4.39 -0.11 29.01
C1 GOL E . -2.93 25.65 6.52
O1 GOL E . -4.10 24.86 6.65
C2 GOL E . -1.74 24.70 6.71
O2 GOL E . -1.84 23.60 5.90
C3 GOL E . -0.47 25.51 6.44
O3 GOL E . -0.32 25.54 5.03
H11 GOL E . -2.88 26.36 7.17
H12 GOL E . -2.86 26.07 5.65
HO1 GOL E . -4.48 24.88 5.91
H2 GOL E . -1.73 24.37 7.63
HO2 GOL E . -2.19 23.85 5.14
H31 GOL E . 0.27 25.09 6.89
H32 GOL E . -0.56 26.39 6.85
HO3 GOL E . 0.50 25.35 4.87
C1 GOL F . 4.88 26.04 0.56
O1 GOL F . 4.98 24.85 -0.16
C2 GOL F . 4.14 25.75 1.87
O2 GOL F . 3.69 26.91 2.47
C3 GOL F . 2.98 24.80 1.48
O3 GOL F . 1.96 25.02 2.48
H11 GOL F . 4.39 26.72 0.07
H12 GOL F . 5.75 26.43 0.77
H2 GOL F . 4.73 25.32 2.51
HO2 GOL F . 3.22 26.69 3.16
H31 GOL F . 3.30 23.89 1.44
H32 GOL F . 2.68 25.00 0.58
HO3 GOL F . 1.57 24.27 2.59
C1 G16 G . 11.27 4.78 4.17
C2 G16 G . 10.29 4.57 5.33
C3 G16 G . 10.50 5.64 6.37
C4 G16 G . 11.92 5.71 6.85
C5 G16 G . 12.97 5.69 5.72
C6 G16 G . 14.32 5.43 6.33
O1 G16 G . 11.10 6.04 3.68
O2 G16 G . 8.95 4.63 4.87
O3 G16 G . 9.66 5.42 7.54
O4 G16 G . 12.09 6.89 7.63
O5 G16 G . 12.70 4.67 4.68
O6 G16 G . 15.28 5.32 5.28
P G16 G . 16.89 5.55 5.63
O1P G16 G . 17.16 7.02 5.91
O2P G16 G . 17.70 5.07 4.43
O3P G16 G . 17.22 4.72 6.85
P' G16 G . 11.00 6.35 2.04
O1X G16 G . 9.94 5.45 1.47
O2X G16 G . 10.64 7.83 2.01
O3X G16 G . 12.33 6.13 1.33
H1 G16 G . 11.11 4.14 3.47
H2 G16 G . 10.43 3.69 5.71
H3 G16 G . 10.22 6.47 5.95
H4 G16 G . 12.08 4.93 7.41
H5 G16 G . 12.96 6.56 5.29
H61 G16 G . 14.31 4.61 6.85
H62 G16 G . 14.57 6.18 6.90
HO2 G16 G . 8.86 5.32 4.37
HO3 G16 G . 9.14 6.09 7.64
HO4 G16 G . 11.46 6.94 8.21
C1 GOL H . -7.14 23.14 -3.29
O1 GOL H . -8.12 23.56 -4.26
C2 GOL H . -6.46 24.38 -2.71
O2 GOL H . -7.01 24.80 -1.49
C3 GOL H . -4.95 23.94 -2.55
O3 GOL H . -4.27 24.33 -3.74
H11 GOL H . -6.46 22.57 -3.67
H12 GOL H . -7.52 22.64 -2.56
HO1 GOL H . -8.86 23.19 -4.03
H2 GOL H . -6.56 25.14 -3.31
HO2 GOL H . -7.85 24.81 -1.59
H31 GOL H . -4.93 22.98 -2.40
H32 GOL H . -4.60 24.34 -1.75
HO3 GOL H . -3.80 23.68 -3.97
MG MG I . 21.50 0.01 12.11
MG MG J . 22.84 3.91 27.65
CL CL K . -3.58 9.72 1.41
NA NA L . 10.25 16.98 21.79
NA NA M . 6.03 -5.03 4.95
C1 GOL N . -5.13 -23.21 -16.66
O1 GOL N . -4.67 -24.37 -17.35
C2 GOL N . -4.04 -22.80 -15.70
O2 GOL N . -3.41 -21.62 -16.09
C3 GOL N . -4.77 -22.58 -14.36
O3 GOL N . -5.29 -23.86 -13.98
H11 GOL N . -5.96 -23.38 -16.16
H12 GOL N . -5.34 -22.48 -17.26
HO1 GOL N . -5.27 -24.60 -17.91
H2 GOL N . -3.36 -23.48 -15.67
HO2 GOL N . -2.82 -21.44 -15.50
H31 GOL N . -5.45 -21.90 -14.47
H32 GOL N . -4.15 -22.21 -13.72
HO3 GOL N . -6.12 -23.71 -13.77
C1 GOL O . -15.32 2.89 -10.67
O1 GOL O . -16.51 2.64 -9.96
C2 GOL O . -15.41 2.09 -11.94
O2 GOL O . -16.72 2.08 -12.51
C3 GOL O . -14.38 2.76 -12.89
O3 GOL O . -14.12 1.81 -13.89
H11 GOL O . -14.52 2.62 -10.18
H12 GOL O . -15.19 3.83 -10.89
HO1 GOL O . -17.08 2.39 -10.53
H2 GOL O . -15.21 1.15 -11.78
HO2 GOL O . -16.64 1.86 -13.33
H31 GOL O . -13.60 3.02 -12.37
H32 GOL O . -14.75 3.60 -13.22
HO3 GOL O . -13.69 2.22 -14.51
C1 GOL P . -13.06 22.50 -0.45
O1 GOL P . -13.52 23.51 0.36
C2 GOL P . -11.56 22.68 -0.54
O2 GOL P . -11.01 21.84 -1.53
C3 GOL P . -11.31 24.16 -0.87
O3 GOL P . -10.19 24.19 -1.77
H11 GOL P . -13.45 22.52 -1.33
H12 GOL P . -13.26 21.62 -0.09
H2 GOL P . -11.15 22.45 0.31
HO2 GOL P . -10.33 22.22 -1.88
H31 GOL P . -11.17 24.65 -0.05
H32 GOL P . -12.12 24.53 -1.26
HO3 GOL P . -10.05 25.03 -1.94
C1 GOL Q . -11.32 23.73 -12.33
O1 GOL Q . -12.10 23.31 -13.42
C2 GOL Q . -9.86 23.87 -12.86
O2 GOL Q . -9.21 24.93 -12.22
C3 GOL Q . -9.22 22.49 -12.59
O3 GOL Q . -8.00 22.45 -13.31
H11 GOL Q . -11.34 23.10 -11.60
H12 GOL Q . -11.61 24.58 -11.96
HO1 GOL Q . -12.31 22.49 -13.29
H2 GOL Q . -9.84 24.07 -13.81
HO2 GOL Q . -8.41 24.94 -12.53
H31 GOL Q . -9.84 21.81 -12.86
H32 GOL Q . -9.11 22.38 -11.64
HO3 GOL Q . -7.66 21.70 -13.17
MG MG R . -17.50 -10.82 -13.26
MG MG S . -24.59 -4.41 -26.17
NA NA T . -12.02 3.68 -32.07
#